data_1MFB
#
_entry.id   1MFB
#
_cell.length_a   47.300
_cell.length_b   129.000
_cell.length_c   79.900
_cell.angle_alpha   90.00
_cell.angle_beta   90.00
_cell.angle_gamma   90.00
#
_symmetry.space_group_name_H-M   'P 21 21 21'
#
loop_
_entity.id
_entity.type
_entity.pdbx_description
1 polymer 'IGG1-LAMBDA SE155-4 FAB (LIGHT CHAIN)'
2 polymer 'IGG1-LAMBDA SE155-4 FAB (HEAVY CHAIN)'
3 branched alpha-D-galactopyranose-(1-2)-alpha-D-mannopyranose-(1-4)-alpha-L-rhamnopyranose-(1-3)-alpha-D-galactopyranose-(1-2)-[alpha-D-Abequopyranose-(1-3)]alpha-D-mannopyranose-(1-4)-alpha-L-rhamnopyranose
4 water water
#
loop_
_entity_poly.entity_id
_entity_poly.type
_entity_poly.pdbx_seq_one_letter_code
_entity_poly.pdbx_strand_id
1 'polypeptide(L)'
;QAVVTQESALTTSPGETVTLTCRSSTGTVTSGNHANWVQEKPDHLFTGLIGDTNNRAPGVPARFSGSLIGDKAALTITGA
QPEDEAIYFCALWCNNHWIFGGGTKLTVLGQPKSSPSVTLFPPSSEELETNKATLVCTITDFYPGVVTVDWKVDGTPVTQ
GMETTQPSKQSNNKYMASSYLTLTARAWERHSSYSCQVTHEGHTVEKSLSRADCS
;
L
2 'polypeptide(L)'
;EVQVQQSGTVLARPGASVKMSCKASGYTFTNYWMHWIKQRPGQGLEWIGAIYPGNSATFYNHKFRAKTKLTAVTSTITAY
MELSSLTNEDSAVYYCTRGGHGYYGDYWGQGASLTVSSAKTTPPSVYPLAPGSAAQTDSMVTLGCLVKGYFPEPVTVTWN
SGSLSSGVHTFPAVLQSDLYTLSSSVTVPSSTWPSETVTCNVAHPASSTKVDKKIVPRC
;
H
#
# COMPACT_ATOMS: atom_id res chain seq x y z
N GLN A 1 0.52 -24.62 -5.61
CA GLN A 1 0.96 -25.80 -4.91
C GLN A 1 0.77 -25.40 -3.47
N ALA A 2 1.89 -25.26 -2.76
CA ALA A 2 1.89 -24.86 -1.37
C ALA A 2 1.27 -23.48 -1.10
N VAL A 3 0.81 -23.40 0.14
CA VAL A 3 0.28 -22.20 0.73
C VAL A 3 1.27 -22.03 1.86
N VAL A 4 1.79 -20.82 1.98
CA VAL A 4 2.74 -20.48 3.01
C VAL A 4 1.96 -19.55 3.93
N THR A 5 2.06 -19.85 5.20
CA THR A 5 1.30 -19.18 6.21
C THR A 5 2.25 -18.55 7.21
N GLN A 6 1.94 -17.28 7.49
CA GLN A 6 2.60 -16.40 8.44
C GLN A 6 1.56 -15.82 9.37
N GLU A 7 1.95 -15.46 10.58
CA GLU A 7 1.10 -14.72 11.50
C GLU A 7 0.67 -13.45 10.82
N SER A 8 -0.49 -12.90 11.05
CA SER A 8 -0.81 -11.69 10.32
C SER A 8 -0.30 -10.47 11.02
N ALA A 9 -0.21 -10.40 12.32
CA ALA A 9 0.33 -9.22 12.99
C ALA A 9 0.82 -9.65 14.37
N LEU A 10 1.95 -9.10 14.82
CA LEU A 10 2.54 -9.32 16.14
C LEU A 10 2.90 -7.96 16.74
N THR A 11 2.93 -7.78 18.07
CA THR A 11 3.27 -6.52 18.74
C THR A 11 4.32 -6.86 19.80
N THR A 12 5.35 -6.05 19.95
CA THR A 12 6.34 -6.21 20.98
C THR A 12 6.78 -4.79 21.37
N SER A 13 7.67 -4.66 22.36
CA SER A 13 8.19 -3.39 22.85
C SER A 13 9.69 -3.36 22.55
N PRO A 14 10.37 -2.21 22.50
CA PRO A 14 11.81 -2.10 22.29
C PRO A 14 12.55 -2.95 23.31
N GLY A 15 13.57 -3.67 22.87
CA GLY A 15 14.39 -4.44 23.75
C GLY A 15 13.87 -5.84 23.97
N GLU A 16 12.65 -6.18 23.54
CA GLU A 16 12.12 -7.53 23.71
C GLU A 16 12.47 -8.43 22.55
N THR A 17 12.29 -9.73 22.69
CA THR A 17 12.51 -10.67 21.62
C THR A 17 11.20 -11.16 21.06
N VAL A 18 11.08 -11.23 19.72
CA VAL A 18 9.85 -11.67 19.03
C VAL A 18 10.25 -12.65 17.90
N THR A 19 9.48 -13.73 17.69
CA THR A 19 9.77 -14.74 16.68
C THR A 19 8.56 -14.83 15.76
N LEU A 20 8.83 -14.86 14.46
CA LEU A 20 7.85 -14.89 13.40
C LEU A 20 8.00 -16.25 12.78
N THR A 21 6.96 -16.99 12.37
CA THR A 21 7.08 -18.32 11.76
C THR A 21 6.48 -18.36 10.36
N CYS A 22 6.91 -19.34 9.59
CA CYS A 22 6.53 -19.45 8.21
C CYS A 22 6.44 -20.95 7.99
N ARG A 23 5.26 -21.41 7.65
CA ARG A 23 5.04 -22.84 7.44
C ARG A 23 4.35 -23.09 6.11
N SER A 24 4.46 -24.34 5.65
CA SER A 24 3.98 -24.78 4.36
C SER A 24 2.87 -25.81 4.44
N SER A 25 1.96 -25.79 3.46
CA SER A 25 0.91 -26.79 3.39
C SER A 25 1.44 -28.16 2.92
N THR A 26 2.71 -28.28 2.55
CA THR A 26 3.25 -29.56 2.14
C THR A 26 3.83 -30.32 3.32
N GLY A 27 3.79 -29.72 4.50
CA GLY A 27 4.36 -30.34 5.66
C GLY A 27 5.58 -29.52 6.02
N THR A 28 6.65 -30.14 6.49
CA THR A 28 7.79 -29.39 6.97
C THR A 28 8.56 -28.56 5.96
N VAL A 29 9.12 -27.46 6.47
CA VAL A 29 10.00 -26.63 5.71
C VAL A 29 11.35 -27.32 5.90
N THR A 30 12.14 -27.49 4.85
CA THR A 30 13.45 -28.10 4.93
C THR A 30 14.47 -27.06 4.54
N SER A 31 15.74 -27.44 4.69
CA SER A 31 16.85 -26.62 4.24
C SER A 31 16.78 -26.42 2.73
N GLY A 32 16.29 -27.41 1.97
CA GLY A 32 16.19 -27.30 0.53
C GLY A 32 15.10 -26.31 0.14
N ASN A 33 14.23 -25.85 1.03
CA ASN A 33 13.27 -24.80 0.72
C ASN A 33 13.83 -23.37 0.80
N HIS A 34 15.09 -23.28 1.22
CA HIS A 34 15.88 -22.04 1.31
C HIS A 34 15.11 -20.85 1.89
N ALA A 35 14.47 -20.92 3.06
CA ALA A 35 13.58 -19.83 3.50
C ALA A 35 14.23 -18.46 3.50
N ASN A 36 13.53 -17.50 2.92
CA ASN A 36 14.02 -16.14 2.82
C ASN A 36 13.10 -15.25 3.61
N TRP A 37 13.65 -14.22 4.25
CA TRP A 37 12.82 -13.25 4.93
C TRP A 37 13.13 -11.87 4.37
N VAL A 38 12.17 -10.99 4.03
CA VAL A 38 12.43 -9.62 3.59
C VAL A 38 11.53 -8.66 4.37
N GLN A 39 11.92 -7.40 4.39
CA GLN A 39 11.21 -6.39 5.14
C GLN A 39 10.70 -5.31 4.20
N GLU A 40 9.45 -4.91 4.39
CA GLU A 40 8.88 -3.81 3.64
C GLU A 40 8.56 -2.69 4.64
N LYS A 41 9.17 -1.54 4.40
CA LYS A 41 8.95 -0.31 5.14
C LYS A 41 8.14 0.61 4.25
N PRO A 42 7.53 1.71 4.71
CA PRO A 42 6.69 2.58 3.87
C PRO A 42 7.40 3.09 2.62
N ASP A 43 6.56 3.22 1.61
CA ASP A 43 6.91 3.67 0.29
C ASP A 43 7.80 2.73 -0.48
N HIS A 44 7.36 1.47 -0.38
CA HIS A 44 7.89 0.37 -1.17
C HIS A 44 9.37 0.16 -1.03
N LEU A 45 9.85 0.32 0.20
CA LEU A 45 11.24 0.13 0.48
C LEU A 45 11.42 -1.25 1.05
N PHE A 46 12.03 -2.11 0.24
CA PHE A 46 12.28 -3.47 0.62
C PHE A 46 13.74 -3.71 0.84
N THR A 47 13.99 -4.51 1.85
CA THR A 47 15.31 -4.92 2.27
C THR A 47 15.31 -6.43 2.39
N GLY A 48 16.30 -7.09 1.80
CA GLY A 48 16.50 -8.51 2.02
C GLY A 48 17.02 -8.67 3.43
N LEU A 49 16.55 -9.64 4.19
CA LEU A 49 16.99 -9.78 5.56
C LEU A 49 17.79 -11.05 5.77
N ILE A 50 17.17 -12.19 5.43
CA ILE A 50 17.71 -13.54 5.64
C ILE A 50 17.61 -14.29 4.31
N GLY A 51 18.62 -15.05 3.91
CA GLY A 51 18.55 -15.88 2.74
C GLY A 51 18.99 -17.26 3.14
N ASP A 52 18.64 -18.27 2.35
CA ASP A 52 19.03 -19.66 2.60
C ASP A 52 18.88 -20.15 4.04
N THR A 53 17.68 -19.95 4.56
CA THR A 53 17.27 -20.31 5.91
C THR A 53 17.90 -19.42 6.99
N ASN A 54 19.21 -19.19 7.00
CA ASN A 54 19.86 -18.47 8.08
C ASN A 54 20.97 -17.49 7.76
N ASN A 55 21.22 -17.12 6.51
CA ASN A 55 22.29 -16.17 6.22
C ASN A 55 21.75 -14.75 6.23
N ARG A 56 22.29 -13.85 7.07
CA ARG A 56 21.89 -12.45 7.04
C ARG A 56 22.38 -11.86 5.73
N ALA A 57 21.57 -11.02 5.10
CA ALA A 57 21.94 -10.32 3.89
C ALA A 57 22.98 -9.26 4.26
N PRO A 58 23.78 -8.71 3.32
CA PRO A 58 24.75 -7.64 3.62
C PRO A 58 24.16 -6.42 4.32
N GLY A 59 24.82 -6.09 5.43
CA GLY A 59 24.48 -4.92 6.23
C GLY A 59 23.24 -5.06 7.10
N VAL A 60 22.74 -6.28 7.34
CA VAL A 60 21.59 -6.47 8.20
C VAL A 60 22.10 -6.59 9.63
N PRO A 61 21.50 -5.93 10.64
CA PRO A 61 21.86 -6.09 12.03
C PRO A 61 21.80 -7.52 12.54
N ALA A 62 22.80 -7.81 13.39
CA ALA A 62 22.96 -9.07 14.09
C ALA A 62 21.75 -9.50 14.90
N ARG A 63 20.92 -8.58 15.40
CA ARG A 63 19.73 -8.94 16.14
C ARG A 63 18.71 -9.74 15.30
N PHE A 64 18.88 -9.85 13.97
CA PHE A 64 17.94 -10.61 13.16
C PHE A 64 18.59 -11.96 12.89
N SER A 65 17.95 -13.09 13.21
CA SER A 65 18.49 -14.38 12.85
C SER A 65 17.38 -15.25 12.29
N GLY A 66 17.71 -16.18 11.42
CA GLY A 66 16.74 -17.08 10.83
C GLY A 66 17.10 -18.49 11.29
N SER A 67 16.14 -19.37 11.51
CA SER A 67 16.39 -20.76 11.90
C SER A 67 15.21 -21.59 11.44
N LEU A 68 15.30 -22.91 11.48
CA LEU A 68 14.14 -23.76 11.24
C LEU A 68 13.79 -24.17 12.66
N ILE A 69 12.57 -23.97 13.17
CA ILE A 69 12.22 -24.39 14.51
C ILE A 69 11.18 -25.47 14.27
N GLY A 70 11.76 -26.66 14.25
CA GLY A 70 10.99 -27.85 14.03
C GLY A 70 10.57 -27.94 12.56
N ASP A 71 9.27 -27.90 12.44
CA ASP A 71 8.62 -28.02 11.16
C ASP A 71 8.53 -26.68 10.41
N LYS A 72 8.90 -25.56 11.04
CA LYS A 72 8.70 -24.23 10.51
C LYS A 72 10.01 -23.47 10.34
N ALA A 73 9.94 -22.46 9.47
CA ALA A 73 11.05 -21.54 9.31
C ALA A 73 10.77 -20.41 10.29
N ALA A 74 11.73 -19.83 10.99
CA ALA A 74 11.43 -18.71 11.87
C ALA A 74 12.46 -17.62 11.77
N LEU A 75 12.00 -16.41 12.04
CA LEU A 75 12.81 -15.21 12.12
C LEU A 75 12.66 -14.71 13.55
N THR A 76 13.78 -14.59 14.26
CA THR A 76 13.82 -14.08 15.63
C THR A 76 14.50 -12.72 15.63
N ILE A 77 13.94 -11.74 16.32
CA ILE A 77 14.54 -10.44 16.42
C ILE A 77 14.89 -10.35 17.91
N THR A 78 16.16 -10.43 18.27
CA THR A 78 16.56 -10.34 19.66
C THR A 78 16.83 -8.91 20.02
N GLY A 79 15.91 -8.31 20.76
CA GLY A 79 16.11 -6.93 21.17
C GLY A 79 15.62 -6.03 20.06
N ALA A 80 14.30 -6.10 19.82
CA ALA A 80 13.63 -5.34 18.77
C ALA A 80 13.72 -3.83 18.95
N GLN A 81 13.92 -3.09 17.86
CA GLN A 81 14.14 -1.66 17.86
C GLN A 81 12.95 -0.96 17.24
N PRO A 82 12.58 0.28 17.56
CA PRO A 82 11.43 0.96 17.01
C PRO A 82 11.41 0.95 15.49
N GLU A 83 12.58 1.08 14.87
CA GLU A 83 12.69 1.03 13.43
C GLU A 83 12.39 -0.33 12.82
N ASP A 84 12.13 -1.38 13.58
CA ASP A 84 11.82 -2.68 13.01
C ASP A 84 10.33 -2.81 12.77
N GLU A 85 9.52 -1.79 13.10
CA GLU A 85 8.11 -1.79 12.78
C GLU A 85 8.00 -1.80 11.25
N ALA A 86 7.45 -2.86 10.67
CA ALA A 86 7.46 -3.02 9.22
C ALA A 86 6.69 -4.29 8.91
N ILE A 87 6.56 -4.67 7.64
CA ILE A 87 5.93 -5.92 7.30
C ILE A 87 7.04 -6.84 6.86
N TYR A 88 6.95 -8.12 7.26
CA TYR A 88 7.97 -9.12 7.02
C TYR A 88 7.37 -10.22 6.18
N PHE A 89 7.97 -10.57 5.05
CA PHE A 89 7.42 -11.63 4.22
C PHE A 89 8.38 -12.76 4.20
N CYS A 90 7.96 -14.02 4.35
CA CYS A 90 8.88 -15.07 4.09
C CYS A 90 8.47 -15.65 2.73
N ALA A 91 9.37 -16.38 2.10
CA ALA A 91 9.12 -17.07 0.85
C ALA A 91 9.91 -18.35 0.92
N LEU A 92 9.37 -19.37 0.25
CA LEU A 92 9.94 -20.72 0.24
C LEU A 92 10.20 -21.14 -1.20
N TRP A 93 11.33 -21.75 -1.54
CA TRP A 93 11.58 -22.24 -2.89
C TRP A 93 10.95 -23.62 -2.91
N CYS A 94 9.81 -23.79 -3.56
CA CYS A 94 9.15 -25.09 -3.61
C CYS A 94 8.76 -25.36 -5.07
N ASN A 95 9.19 -26.49 -5.65
CA ASN A 95 8.82 -26.87 -7.00
C ASN A 95 9.20 -25.82 -8.04
N ASN A 96 10.43 -25.34 -7.86
CA ASN A 96 10.98 -24.31 -8.71
C ASN A 96 10.21 -23.00 -8.82
N HIS A 97 9.44 -22.66 -7.76
CA HIS A 97 8.75 -21.39 -7.62
C HIS A 97 9.05 -20.87 -6.21
N TRP A 98 9.19 -19.54 -6.11
CA TRP A 98 9.30 -18.89 -4.81
C TRP A 98 7.84 -18.60 -4.49
N ILE A 99 7.38 -19.06 -3.33
CA ILE A 99 6.01 -18.92 -2.86
C ILE A 99 6.07 -18.03 -1.65
N PHE A 100 5.26 -17.00 -1.63
CA PHE A 100 5.23 -16.04 -0.55
C PHE A 100 4.17 -16.28 0.50
N GLY A 101 4.55 -15.97 1.73
CA GLY A 101 3.58 -15.91 2.81
C GLY A 101 2.84 -14.61 2.69
N GLY A 102 1.81 -14.41 3.47
CA GLY A 102 1.02 -13.21 3.39
C GLY A 102 1.63 -12.03 4.10
N GLY A 103 2.76 -12.13 4.77
CA GLY A 103 3.30 -10.97 5.47
C GLY A 103 2.82 -10.88 6.91
N THR A 104 3.72 -10.60 7.86
CA THR A 104 3.33 -10.34 9.23
C THR A 104 3.50 -8.84 9.45
N LYS A 105 2.50 -8.06 9.90
CA LYS A 105 2.75 -6.67 10.28
C LYS A 105 3.36 -6.69 11.70
N LEU A 106 4.59 -6.26 11.93
CA LEU A 106 5.11 -6.21 13.28
C LEU A 106 5.07 -4.79 13.84
N THR A 107 4.41 -4.60 14.99
CA THR A 107 4.41 -3.34 15.68
C THR A 107 5.47 -3.45 16.78
N VAL A 108 6.41 -2.50 16.85
CA VAL A 108 7.38 -2.45 17.95
C VAL A 108 6.99 -1.12 18.63
N LEU A 109 6.27 -1.15 19.74
CA LEU A 109 5.72 0.05 20.38
C LEU A 109 6.73 1.11 20.75
N GLY A 110 6.92 2.04 19.82
CA GLY A 110 7.86 3.13 19.97
C GLY A 110 7.28 4.34 20.70
N GLN A 111 5.97 4.42 20.84
CA GLN A 111 5.30 5.51 21.52
C GLN A 111 4.05 4.89 22.15
N PRO A 112 3.31 5.54 23.06
CA PRO A 112 2.10 4.98 23.64
C PRO A 112 1.03 4.71 22.58
N LYS A 113 0.18 3.75 22.86
CA LYS A 113 -0.91 3.47 21.95
C LYS A 113 -1.82 4.69 21.86
N SER A 114 -2.48 4.90 20.73
CA SER A 114 -3.32 6.05 20.51
C SER A 114 -4.59 5.57 19.79
N SER A 115 -5.75 5.98 20.30
CA SER A 115 -7.05 5.65 19.73
C SER A 115 -7.36 6.58 18.58
N PRO A 116 -8.15 6.17 17.58
CA PRO A 116 -8.47 7.00 16.44
C PRO A 116 -9.34 8.21 16.63
N SER A 117 -9.02 9.28 15.91
CA SER A 117 -9.94 10.39 15.77
C SER A 117 -10.72 10.05 14.51
N VAL A 118 -12.02 9.94 14.64
CA VAL A 118 -12.88 9.57 13.53
C VAL A 118 -13.72 10.80 13.25
N THR A 119 -13.80 11.25 12.00
CA THR A 119 -14.68 12.34 11.63
C THR A 119 -15.51 11.78 10.48
N LEU A 120 -16.82 11.98 10.52
CA LEU A 120 -17.71 11.62 9.44
C LEU A 120 -18.28 12.92 8.88
N PHE A 121 -18.19 13.05 7.57
CA PHE A 121 -18.67 14.23 6.89
C PHE A 121 -19.85 13.78 6.06
N PRO A 122 -20.95 14.53 5.96
CA PRO A 122 -22.04 14.27 5.02
C PRO A 122 -21.69 14.65 3.58
N PRO A 123 -22.45 14.25 2.54
CA PRO A 123 -22.28 14.71 1.16
C PRO A 123 -22.39 16.21 1.09
N SER A 124 -21.67 16.87 0.17
CA SER A 124 -21.81 18.32 0.02
C SER A 124 -23.04 18.57 -0.87
N SER A 125 -23.72 19.71 -0.82
CA SER A 125 -24.87 20.02 -1.66
C SER A 125 -24.51 19.99 -3.15
N GLU A 126 -23.34 20.52 -3.49
CA GLU A 126 -22.86 20.52 -4.86
C GLU A 126 -22.63 19.13 -5.42
N GLU A 127 -22.29 18.15 -4.60
CA GLU A 127 -22.20 16.80 -5.13
C GLU A 127 -23.63 16.23 -5.19
N LEU A 128 -24.52 16.49 -4.21
CA LEU A 128 -25.90 16.02 -4.27
C LEU A 128 -26.58 16.48 -5.56
N GLU A 129 -26.22 17.66 -6.05
CA GLU A 129 -26.65 18.11 -7.36
C GLU A 129 -26.31 17.15 -8.49
N THR A 130 -25.17 16.47 -8.46
CA THR A 130 -24.80 15.56 -9.53
C THR A 130 -25.53 14.21 -9.43
N ASN A 131 -26.34 14.04 -8.37
CA ASN A 131 -27.12 12.84 -8.16
C ASN A 131 -26.30 11.73 -7.52
N LYS A 132 -25.22 12.11 -6.84
CA LYS A 132 -24.35 11.16 -6.18
C LYS A 132 -24.24 11.66 -4.74
N ALA A 133 -23.79 10.79 -3.84
CA ALA A 133 -23.66 11.16 -2.45
C ALA A 133 -22.50 10.37 -1.91
N THR A 134 -21.41 10.97 -1.45
CA THR A 134 -20.33 10.19 -0.86
C THR A 134 -20.26 10.63 0.60
N LEU A 135 -20.22 9.69 1.55
CA LEU A 135 -19.97 10.04 2.92
C LEU A 135 -18.53 9.65 3.09
N VAL A 136 -17.81 10.52 3.81
CA VAL A 136 -16.37 10.37 4.01
C VAL A 136 -16.06 10.17 5.48
N CYS A 137 -15.39 9.08 5.85
CA CYS A 137 -15.01 8.90 7.23
C CYS A 137 -13.48 8.98 7.33
N THR A 138 -12.90 9.94 8.08
CA THR A 138 -11.43 10.05 8.17
C THR A 138 -11.04 9.51 9.54
N ILE A 139 -9.94 8.77 9.61
CA ILE A 139 -9.56 8.09 10.84
C ILE A 139 -8.08 8.39 10.99
N THR A 140 -7.69 9.20 11.97
CA THR A 140 -6.31 9.58 12.07
C THR A 140 -5.79 9.31 13.47
N ASP A 141 -4.47 9.41 13.58
CA ASP A 141 -3.81 9.36 14.85
C ASP A 141 -4.00 8.09 15.65
N PHE A 142 -4.01 6.93 15.03
CA PHE A 142 -4.13 5.73 15.79
C PHE A 142 -2.83 4.95 15.77
N TYR A 143 -2.55 4.27 16.87
CA TYR A 143 -1.34 3.50 16.97
C TYR A 143 -1.67 2.38 17.96
N PRO A 144 -1.44 1.07 17.77
CA PRO A 144 -0.94 0.40 16.54
C PRO A 144 -1.67 0.73 15.24
N GLY A 145 -1.05 0.59 14.07
CA GLY A 145 -1.73 0.99 12.84
C GLY A 145 -2.58 -0.10 12.23
N VAL A 146 -3.51 -0.66 13.01
CA VAL A 146 -4.37 -1.74 12.55
C VAL A 146 -5.75 -1.32 13.01
N VAL A 147 -6.70 -1.27 12.09
CA VAL A 147 -8.04 -0.79 12.38
C VAL A 147 -9.00 -1.60 11.50
N THR A 148 -10.28 -1.76 11.92
CA THR A 148 -11.31 -2.34 11.04
C THR A 148 -12.44 -1.31 10.93
N VAL A 149 -13.03 -1.10 9.76
CA VAL A 149 -14.04 -0.08 9.56
C VAL A 149 -15.31 -0.78 9.08
N ASP A 150 -16.42 -0.37 9.68
CA ASP A 150 -17.73 -0.93 9.41
C ASP A 150 -18.71 0.20 9.17
N TRP A 151 -19.62 0.10 8.19
CA TRP A 151 -20.60 1.14 7.94
C TRP A 151 -21.99 0.59 8.24
N LYS A 152 -22.92 1.37 8.76
CA LYS A 152 -24.28 0.89 8.93
C LYS A 152 -25.19 1.98 8.42
N VAL A 153 -26.26 1.58 7.74
CA VAL A 153 -27.25 2.52 7.25
C VAL A 153 -28.56 2.08 7.88
N ASP A 154 -29.12 2.92 8.76
CA ASP A 154 -30.32 2.63 9.54
C ASP A 154 -30.23 1.27 10.21
N GLY A 155 -29.04 1.10 10.80
CA GLY A 155 -28.70 -0.10 11.53
C GLY A 155 -28.34 -1.32 10.70
N THR A 156 -28.56 -1.40 9.39
CA THR A 156 -28.22 -2.61 8.66
C THR A 156 -26.75 -2.55 8.22
N PRO A 157 -25.96 -3.61 8.38
CA PRO A 157 -24.59 -3.69 7.88
C PRO A 157 -24.53 -3.45 6.37
N VAL A 158 -23.60 -2.59 5.99
CA VAL A 158 -23.40 -2.24 4.60
C VAL A 158 -22.25 -3.08 4.15
N THR A 159 -22.32 -3.86 3.08
CA THR A 159 -21.09 -4.43 2.57
C THR A 159 -21.18 -4.37 1.03
N GLN A 160 -21.57 -3.19 0.55
CA GLN A 160 -21.62 -2.87 -0.86
C GLN A 160 -21.49 -1.36 -0.98
N GLY A 161 -20.54 -0.89 -1.77
CA GLY A 161 -20.43 0.54 -2.03
C GLY A 161 -19.44 1.28 -1.12
N MET A 162 -18.58 0.56 -0.39
CA MET A 162 -17.60 1.25 0.41
C MET A 162 -16.21 0.80 0.02
N GLU A 163 -15.29 1.75 0.16
CA GLU A 163 -13.87 1.59 -0.13
C GLU A 163 -13.11 2.11 1.07
N THR A 164 -12.19 1.39 1.68
CA THR A 164 -11.37 1.91 2.77
C THR A 164 -9.92 1.85 2.29
N THR A 165 -9.07 2.78 2.73
CA THR A 165 -7.68 2.74 2.33
C THR A 165 -6.95 1.91 3.37
N GLN A 166 -5.73 1.53 3.03
CA GLN A 166 -4.78 0.85 3.90
C GLN A 166 -4.25 1.91 4.83
N PRO A 167 -3.91 1.61 6.09
CA PRO A 167 -3.35 2.56 7.04
C PRO A 167 -2.04 3.18 6.53
N SER A 168 -1.90 4.50 6.51
CA SER A 168 -0.68 5.16 6.10
C SER A 168 0.01 5.71 7.34
N LYS A 169 1.31 5.59 7.52
CA LYS A 169 2.06 6.20 8.60
C LYS A 169 2.01 7.73 8.44
N GLN A 170 1.68 8.43 9.50
CA GLN A 170 1.66 9.88 9.50
C GLN A 170 3.08 10.32 9.81
N SER A 171 3.39 11.61 9.74
CA SER A 171 4.76 12.04 9.98
C SER A 171 5.11 11.90 11.45
N ASN A 172 4.09 11.88 12.32
CA ASN A 172 4.32 11.68 13.74
C ASN A 172 4.31 10.19 14.09
N ASN A 173 4.33 9.33 13.06
CA ASN A 173 4.35 7.87 13.17
C ASN A 173 3.16 7.10 13.72
N LYS A 174 2.08 7.82 13.92
CA LYS A 174 0.79 7.22 14.17
C LYS A 174 0.25 6.94 12.77
N TYR A 175 -0.97 6.44 12.59
CA TYR A 175 -1.45 6.04 11.26
C TYR A 175 -2.78 6.70 10.95
N MET A 176 -3.14 6.76 9.68
CA MET A 176 -4.40 7.34 9.23
C MET A 176 -4.99 6.42 8.16
N ALA A 177 -6.29 6.51 7.90
CA ALA A 177 -7.00 5.75 6.86
C ALA A 177 -8.31 6.51 6.61
N SER A 178 -8.91 6.41 5.42
CA SER A 178 -10.24 6.96 5.18
C SER A 178 -11.10 5.86 4.54
N SER A 179 -12.42 6.04 4.65
CA SER A 179 -13.40 5.13 4.08
C SER A 179 -14.49 6.01 3.47
N TYR A 180 -15.00 5.54 2.33
CA TYR A 180 -15.99 6.20 1.51
C TYR A 180 -17.24 5.35 1.41
N LEU A 181 -18.44 5.90 1.58
CA LEU A 181 -19.65 5.15 1.28
C LEU A 181 -20.23 5.97 0.15
N THR A 182 -20.36 5.43 -1.07
CA THR A 182 -20.91 6.23 -2.17
C THR A 182 -22.34 5.77 -2.48
N LEU A 183 -23.30 6.64 -2.63
CA LEU A 183 -24.68 6.26 -2.89
C LEU A 183 -25.22 7.23 -3.92
N THR A 184 -26.37 6.91 -4.50
CA THR A 184 -27.04 7.80 -5.42
C THR A 184 -27.78 8.78 -4.54
N ALA A 185 -28.10 9.98 -5.02
CA ALA A 185 -28.83 10.92 -4.18
C ALA A 185 -30.17 10.34 -3.75
N ARG A 186 -30.76 9.53 -4.63
CA ARG A 186 -32.03 8.86 -4.34
C ARG A 186 -31.93 7.94 -3.12
N ALA A 187 -30.95 7.04 -3.14
CA ALA A 187 -30.75 6.10 -2.05
C ALA A 187 -30.40 6.80 -0.74
N TRP A 188 -29.76 7.96 -0.82
CA TRP A 188 -29.39 8.75 0.35
C TRP A 188 -30.64 9.25 1.03
N GLU A 189 -31.55 9.71 0.16
CA GLU A 189 -32.82 10.21 0.57
C GLU A 189 -33.73 9.16 1.18
N ARG A 190 -33.52 7.87 0.91
CA ARG A 190 -34.31 6.83 1.55
C ARG A 190 -33.86 6.46 2.96
N HIS A 191 -32.80 7.01 3.58
CA HIS A 191 -32.37 6.53 4.89
C HIS A 191 -32.07 7.65 5.84
N SER A 192 -32.22 7.46 7.15
CA SER A 192 -31.97 8.55 8.08
C SER A 192 -30.62 8.51 8.75
N SER A 193 -30.23 7.40 9.36
CA SER A 193 -29.00 7.35 10.13
C SER A 193 -27.93 6.60 9.36
N TYR A 194 -26.73 7.18 9.39
CA TYR A 194 -25.55 6.64 8.75
C TYR A 194 -24.45 6.59 9.80
N SER A 195 -23.76 5.47 9.94
CA SER A 195 -22.69 5.35 10.92
C SER A 195 -21.45 4.73 10.30
N CYS A 196 -20.33 5.22 10.78
CA CYS A 196 -19.01 4.73 10.44
C CYS A 196 -18.53 4.23 11.82
N GLN A 197 -18.11 2.97 11.89
CA GLN A 197 -17.71 2.37 13.15
C GLN A 197 -16.30 1.86 12.95
N VAL A 198 -15.42 2.26 13.84
CA VAL A 198 -14.01 1.96 13.70
C VAL A 198 -13.56 1.17 14.94
N THR A 199 -13.11 -0.07 14.77
CA THR A 199 -12.61 -0.77 15.91
C THR A 199 -11.09 -0.82 15.85
N HIS A 200 -10.50 -0.49 17.00
CA HIS A 200 -9.05 -0.47 17.18
C HIS A 200 -8.79 -1.03 18.57
N GLU A 201 -7.96 -2.06 18.66
CA GLU A 201 -7.57 -2.68 19.93
C GLU A 201 -8.80 -3.08 20.76
N GLY A 202 -9.73 -3.80 20.15
CA GLY A 202 -10.92 -4.27 20.85
C GLY A 202 -11.93 -3.18 21.23
N HIS A 203 -11.73 -1.91 20.91
CA HIS A 203 -12.73 -0.92 21.24
C HIS A 203 -13.21 -0.24 19.97
N THR A 204 -14.52 -0.04 19.86
CA THR A 204 -15.14 0.61 18.71
C THR A 204 -15.44 2.05 19.06
N VAL A 205 -15.15 2.90 18.09
CA VAL A 205 -15.43 4.33 18.09
C VAL A 205 -16.51 4.43 17.00
N GLU A 206 -17.61 5.14 17.20
CA GLU A 206 -18.66 5.21 16.20
C GLU A 206 -19.02 6.66 15.97
N LYS A 207 -19.24 7.06 14.73
CA LYS A 207 -19.68 8.40 14.43
C LYS A 207 -20.90 8.19 13.54
N SER A 208 -22.01 8.87 13.84
CA SER A 208 -23.28 8.73 13.13
C SER A 208 -23.85 10.06 12.69
N LEU A 209 -24.60 10.11 11.60
CA LEU A 209 -25.31 11.32 11.27
C LEU A 209 -26.68 10.93 10.79
N SER A 210 -27.55 11.93 10.77
CA SER A 210 -28.91 11.74 10.34
C SER A 210 -29.08 12.64 9.13
N ARG A 211 -29.73 12.17 8.08
CA ARG A 211 -30.00 12.96 6.90
C ARG A 211 -31.02 14.02 7.32
N ALA A 212 -30.61 15.13 7.92
CA ALA A 212 -31.54 16.17 8.31
C ALA A 212 -31.01 16.98 9.49
N GLU B 1 27.54 1.56 -4.23
CA GLU B 1 27.58 0.24 -3.60
C GLU B 1 26.73 -0.56 -4.59
N VAL B 2 25.96 -1.61 -4.26
CA VAL B 2 25.10 -2.29 -5.23
C VAL B 2 23.87 -1.42 -5.42
N GLN B 3 23.37 -1.33 -6.65
CA GLN B 3 22.23 -0.53 -7.02
C GLN B 3 21.50 -1.25 -8.12
N VAL B 4 20.19 -1.23 -8.01
CA VAL B 4 19.29 -1.86 -8.95
C VAL B 4 18.37 -0.70 -9.30
N GLN B 5 18.57 -0.20 -10.51
CA GLN B 5 17.90 0.97 -11.03
C GLN B 5 16.74 0.56 -11.95
N GLN B 6 15.52 0.97 -11.65
CA GLN B 6 14.34 0.56 -12.42
C GLN B 6 13.80 1.67 -13.30
N SER B 7 13.14 1.25 -14.37
CA SER B 7 12.45 2.21 -15.18
C SER B 7 11.29 2.79 -14.38
N GLY B 8 10.69 3.87 -14.89
CA GLY B 8 9.67 4.60 -14.19
C GLY B 8 8.26 4.11 -14.45
N THR B 9 7.32 4.96 -14.07
CA THR B 9 5.90 4.69 -14.16
C THR B 9 5.38 4.47 -15.57
N VAL B 10 4.39 3.58 -15.76
CA VAL B 10 3.87 3.25 -17.07
C VAL B 10 2.36 3.22 -16.93
N LEU B 11 1.76 3.76 -17.98
CA LEU B 11 0.32 3.75 -18.11
C LEU B 11 0.09 3.01 -19.42
N ALA B 12 -0.73 1.97 -19.44
CA ALA B 12 -0.96 1.24 -20.67
C ALA B 12 -2.43 0.91 -20.78
N ARG B 13 -2.91 0.62 -21.99
CA ARG B 13 -4.32 0.33 -22.22
C ARG B 13 -4.47 -1.19 -22.31
N PRO B 14 -5.66 -1.76 -22.05
CA PRO B 14 -5.90 -3.20 -22.19
C PRO B 14 -5.51 -3.70 -23.58
N GLY B 15 -4.84 -4.85 -23.63
CA GLY B 15 -4.45 -5.47 -24.87
C GLY B 15 -3.03 -5.12 -25.24
N ALA B 16 -2.46 -4.04 -24.71
CA ALA B 16 -1.10 -3.66 -25.03
C ALA B 16 -0.02 -4.57 -24.43
N SER B 17 1.23 -4.16 -24.60
CA SER B 17 2.39 -4.88 -24.16
C SER B 17 3.34 -3.79 -23.64
N VAL B 18 4.24 -4.02 -22.67
CA VAL B 18 5.17 -3.01 -22.19
C VAL B 18 6.47 -3.71 -21.84
N LYS B 19 7.56 -2.97 -21.91
CA LYS B 19 8.86 -3.48 -21.58
C LYS B 19 9.41 -2.67 -20.41
N MET B 20 9.78 -3.38 -19.33
CA MET B 20 10.36 -2.77 -18.15
C MET B 20 11.83 -3.17 -18.08
N SER B 21 12.69 -2.37 -17.45
CA SER B 21 14.10 -2.68 -17.38
C SER B 21 14.69 -2.42 -16.00
N CYS B 22 15.75 -3.15 -15.70
CA CYS B 22 16.48 -3.01 -14.45
C CYS B 22 17.95 -3.06 -14.79
N LYS B 23 18.62 -2.01 -14.37
CA LYS B 23 20.04 -1.83 -14.62
C LYS B 23 20.79 -2.04 -13.31
N ALA B 24 21.83 -2.84 -13.37
CA ALA B 24 22.64 -3.16 -12.20
C ALA B 24 23.84 -2.24 -11.96
N SER B 25 24.24 -2.01 -10.72
CA SER B 25 25.43 -1.24 -10.41
C SER B 25 26.10 -1.83 -9.16
N GLY B 26 27.43 -1.88 -9.11
CA GLY B 26 28.15 -2.33 -7.92
C GLY B 26 28.48 -3.81 -7.83
N TYR B 27 28.31 -4.61 -8.89
CA TYR B 27 28.64 -6.03 -8.83
C TYR B 27 28.77 -6.65 -10.22
N THR B 28 29.20 -7.89 -10.27
CA THR B 28 29.31 -8.64 -11.51
C THR B 28 27.95 -9.20 -11.92
N PHE B 29 27.28 -8.50 -12.85
CA PHE B 29 25.97 -8.87 -13.37
C PHE B 29 25.83 -10.34 -13.73
N THR B 30 26.87 -10.91 -14.33
CA THR B 30 26.82 -12.27 -14.81
C THR B 30 26.92 -13.32 -13.74
N ASN B 31 27.20 -12.99 -12.49
CA ASN B 31 27.31 -14.01 -11.44
C ASN B 31 26.06 -14.17 -10.57
N TYR B 32 25.05 -13.33 -10.85
CA TYR B 32 23.84 -13.24 -10.05
C TYR B 32 22.55 -13.37 -10.85
N TRP B 33 21.44 -13.72 -10.17
CA TRP B 33 20.17 -13.84 -10.83
C TRP B 33 19.43 -12.52 -10.66
N MET B 34 18.57 -12.24 -11.63
CA MET B 34 17.72 -11.10 -11.53
C MET B 34 16.33 -11.72 -11.43
N HIS B 35 15.58 -11.41 -10.38
CA HIS B 35 14.23 -11.93 -10.21
C HIS B 35 13.25 -10.80 -10.40
N TRP B 36 12.00 -11.04 -10.81
CA TRP B 36 11.01 -9.96 -10.92
C TRP B 36 9.84 -10.30 -10.00
N ILE B 37 9.33 -9.34 -9.21
CA ILE B 37 8.30 -9.58 -8.21
C ILE B 37 7.12 -8.69 -8.51
N LYS B 38 5.88 -9.15 -8.35
CA LYS B 38 4.72 -8.34 -8.59
C LYS B 38 4.08 -8.04 -7.24
N GLN B 39 3.76 -6.79 -6.92
CA GLN B 39 3.02 -6.46 -5.73
C GLN B 39 1.73 -5.79 -6.17
N ARG B 40 0.63 -6.49 -5.93
CA ARG B 40 -0.71 -6.04 -6.28
C ARG B 40 -1.34 -5.47 -5.01
N PRO B 41 -1.86 -4.23 -5.02
CA PRO B 41 -2.37 -3.45 -3.88
C PRO B 41 -2.69 -4.14 -2.56
N GLY B 42 -3.51 -5.18 -2.61
CA GLY B 42 -3.60 -6.07 -1.47
C GLY B 42 -3.98 -7.43 -2.00
N GLN B 43 -2.89 -8.00 -2.52
CA GLN B 43 -2.86 -9.34 -3.06
C GLN B 43 -1.50 -9.96 -2.77
N GLY B 44 -0.72 -9.30 -1.92
CA GLY B 44 0.61 -9.79 -1.61
C GLY B 44 1.57 -9.73 -2.80
N LEU B 45 2.65 -10.47 -2.60
CA LEU B 45 3.73 -10.51 -3.54
C LEU B 45 3.62 -11.79 -4.34
N GLU B 46 3.97 -11.76 -5.60
CA GLU B 46 4.01 -12.95 -6.44
C GLU B 46 5.33 -12.96 -7.16
N TRP B 47 5.94 -14.10 -7.31
CA TRP B 47 7.19 -14.20 -8.03
C TRP B 47 6.82 -14.44 -9.50
N ILE B 48 7.39 -13.67 -10.42
CA ILE B 48 7.15 -13.84 -11.85
C ILE B 48 8.17 -14.81 -12.39
N GLY B 49 9.45 -14.64 -12.11
CA GLY B 49 10.47 -15.46 -12.71
C GLY B 49 11.83 -14.81 -12.47
N ALA B 50 12.86 -15.47 -12.97
CA ALA B 50 14.24 -15.07 -12.76
C ALA B 50 15.09 -15.43 -13.95
N ILE B 51 16.15 -14.65 -14.23
CA ILE B 51 17.07 -14.92 -15.31
C ILE B 51 18.50 -14.88 -14.80
N TYR B 52 19.33 -15.80 -15.28
CA TYR B 52 20.74 -15.85 -14.95
C TYR B 52 21.46 -15.28 -16.17
N PRO B 53 21.87 -14.01 -16.21
CA PRO B 53 22.45 -13.35 -17.37
C PRO B 53 23.72 -13.99 -17.90
N GLY B 54 24.50 -14.67 -17.06
CA GLY B 54 25.69 -15.38 -17.51
C GLY B 54 25.39 -16.29 -18.69
N ASN B 55 24.27 -17.00 -18.68
CA ASN B 55 23.95 -17.92 -19.78
C ASN B 55 22.47 -17.92 -20.13
N SER B 56 21.78 -16.86 -19.72
CA SER B 56 20.37 -16.68 -19.93
C SER B 56 19.44 -17.87 -19.65
N ALA B 57 19.79 -18.61 -18.58
CA ALA B 57 18.88 -19.64 -18.01
C ALA B 57 17.73 -18.85 -17.35
N THR B 58 16.50 -19.34 -17.33
CA THR B 58 15.40 -18.61 -16.73
C THR B 58 14.56 -19.59 -15.93
N PHE B 59 13.77 -19.14 -14.96
CA PHE B 59 12.81 -19.98 -14.26
C PHE B 59 11.57 -19.13 -14.32
N TYR B 60 10.40 -19.67 -14.63
CA TYR B 60 9.19 -18.85 -14.67
C TYR B 60 8.17 -19.46 -13.77
N ASN B 61 7.33 -18.60 -13.24
CA ASN B 61 6.21 -19.07 -12.46
C ASN B 61 5.26 -19.58 -13.55
N HIS B 62 4.57 -20.72 -13.37
CA HIS B 62 3.74 -21.29 -14.45
C HIS B 62 2.64 -20.34 -14.91
N LYS B 63 2.15 -19.60 -13.91
CA LYS B 63 1.07 -18.62 -14.01
C LYS B 63 1.44 -17.46 -14.90
N PHE B 64 2.72 -17.16 -15.01
CA PHE B 64 3.17 -16.02 -15.78
C PHE B 64 3.86 -16.39 -17.07
N ARG B 65 4.04 -17.67 -17.38
CA ARG B 65 4.68 -18.11 -18.61
C ARG B 65 4.01 -17.58 -19.87
N ALA B 66 2.72 -17.33 -19.86
CA ALA B 66 2.06 -16.80 -21.05
C ALA B 66 2.10 -15.27 -21.10
N LYS B 67 2.43 -14.65 -19.98
CA LYS B 67 2.40 -13.21 -19.82
C LYS B 67 3.76 -12.53 -19.97
N THR B 68 4.80 -13.16 -19.49
CA THR B 68 6.09 -12.53 -19.38
C THR B 68 7.21 -13.13 -20.19
N LYS B 69 8.06 -12.23 -20.64
CA LYS B 69 9.23 -12.68 -21.33
C LYS B 69 10.39 -11.93 -20.70
N LEU B 70 11.33 -12.69 -20.16
CA LEU B 70 12.52 -12.18 -19.51
C LEU B 70 13.75 -12.23 -20.40
N THR B 71 14.55 -11.16 -20.41
CA THR B 71 15.78 -11.10 -21.19
C THR B 71 16.79 -10.29 -20.40
N ALA B 72 18.05 -10.28 -20.83
CA ALA B 72 19.08 -9.50 -20.17
C ALA B 72 20.09 -9.20 -21.26
N VAL B 73 20.72 -8.04 -21.21
CA VAL B 73 21.75 -7.68 -22.15
C VAL B 73 22.98 -7.48 -21.27
N THR B 74 23.86 -8.46 -21.36
CA THR B 74 25.11 -8.47 -20.63
C THR B 74 26.09 -7.35 -20.96
N SER B 75 26.02 -6.61 -22.08
CA SER B 75 26.91 -5.47 -22.27
C SER B 75 26.37 -4.24 -21.59
N THR B 76 25.05 -4.19 -21.56
CA THR B 76 24.37 -3.02 -21.04
C THR B 76 24.02 -3.14 -19.56
N ILE B 77 24.26 -4.35 -19.00
CA ILE B 77 23.94 -4.78 -17.65
C ILE B 77 22.53 -4.39 -17.24
N THR B 78 21.64 -4.78 -18.16
CA THR B 78 20.21 -4.53 -18.05
C THR B 78 19.38 -5.80 -18.23
N ALA B 79 18.37 -6.01 -17.38
CA ALA B 79 17.45 -7.11 -17.54
C ALA B 79 16.17 -6.43 -17.93
N TYR B 80 15.36 -7.08 -18.74
CA TYR B 80 14.09 -6.57 -19.25
C TYR B 80 13.04 -7.58 -18.95
N MET B 81 11.84 -7.09 -18.79
CA MET B 81 10.71 -7.97 -18.67
C MET B 81 9.63 -7.37 -19.56
N GLU B 82 9.12 -8.17 -20.48
CA GLU B 82 8.04 -7.76 -21.34
C GLU B 82 6.77 -8.48 -20.89
N LEU B 83 5.68 -7.74 -20.78
CA LEU B 83 4.40 -8.24 -20.35
C LEU B 83 3.49 -8.02 -21.52
N SER B 84 2.85 -9.05 -22.04
CA SER B 84 1.95 -8.88 -23.17
C SER B 84 0.48 -8.97 -22.73
N SER B 85 -0.48 -8.61 -23.60
CA SER B 85 -1.90 -8.72 -23.38
C SER B 85 -2.43 -8.25 -22.04
N LEU B 86 -2.03 -7.02 -21.76
CA LEU B 86 -2.33 -6.40 -20.49
C LEU B 86 -3.81 -6.33 -20.16
N THR B 87 -4.16 -6.69 -18.94
CA THR B 87 -5.53 -6.64 -18.47
C THR B 87 -5.42 -5.76 -17.23
N ASN B 88 -6.54 -5.45 -16.65
CA ASN B 88 -6.57 -4.62 -15.45
C ASN B 88 -5.84 -5.27 -14.29
N GLU B 89 -5.82 -6.61 -14.29
CA GLU B 89 -5.17 -7.43 -13.28
C GLU B 89 -3.67 -7.29 -13.27
N ASP B 90 -3.07 -6.82 -14.35
CA ASP B 90 -1.65 -6.61 -14.41
C ASP B 90 -1.28 -5.28 -13.80
N SER B 91 -2.21 -4.42 -13.39
CA SER B 91 -1.86 -3.20 -12.68
C SER B 91 -1.20 -3.57 -11.35
N ALA B 92 0.03 -3.14 -11.09
CA ALA B 92 0.75 -3.54 -9.90
C ALA B 92 2.03 -2.75 -9.88
N VAL B 93 2.79 -2.89 -8.80
CA VAL B 93 4.14 -2.34 -8.75
C VAL B 93 5.03 -3.55 -9.00
N TYR B 94 6.04 -3.44 -9.86
CA TYR B 94 6.92 -4.56 -10.17
C TYR B 94 8.31 -4.23 -9.66
N TYR B 95 9.02 -5.19 -9.05
CA TYR B 95 10.34 -4.95 -8.53
C TYR B 95 11.30 -5.88 -9.22
N CYS B 96 12.56 -5.52 -9.49
CA CYS B 96 13.51 -6.53 -9.87
C CYS B 96 14.42 -6.67 -8.66
N THR B 97 14.89 -7.87 -8.36
CA THR B 97 15.68 -8.10 -7.15
C THR B 97 16.90 -8.90 -7.55
N ARG B 98 18.01 -8.84 -6.80
CA ARG B 98 19.21 -9.58 -7.12
C ARG B 98 19.21 -10.82 -6.27
N GLY B 99 19.44 -11.98 -6.91
CA GLY B 99 19.40 -13.25 -6.23
C GLY B 99 20.70 -13.97 -6.44
N GLY B 100 20.88 -15.02 -5.67
CA GLY B 100 22.06 -15.83 -5.69
C GLY B 100 21.66 -17.20 -5.22
N HIS B 101 22.61 -17.93 -4.69
CA HIS B 101 22.33 -19.28 -4.23
C HIS B 101 21.52 -19.22 -2.95
N GLY B 102 20.30 -19.71 -3.04
CA GLY B 102 19.44 -19.86 -1.89
C GLY B 102 18.66 -18.60 -1.62
N TYR B 103 18.73 -17.57 -2.44
CA TYR B 103 17.91 -16.39 -2.19
C TYR B 103 17.52 -15.66 -3.45
N TYR B 104 16.46 -14.87 -3.42
CA TYR B 104 15.99 -14.19 -4.59
C TYR B 104 16.18 -12.67 -4.54
N GLY B 105 16.38 -12.06 -3.37
CA GLY B 105 16.41 -10.62 -3.32
C GLY B 105 17.09 -10.04 -2.10
N ASP B 106 18.40 -9.93 -2.12
CA ASP B 106 19.08 -9.23 -1.04
C ASP B 106 19.01 -7.74 -1.34
N TYR B 107 19.21 -7.28 -2.58
CA TYR B 107 19.03 -5.88 -2.94
C TYR B 107 17.84 -5.79 -3.87
N TRP B 108 16.96 -4.83 -3.61
CA TRP B 108 15.74 -4.59 -4.34
C TRP B 108 15.78 -3.28 -5.13
N GLY B 109 15.15 -3.31 -6.30
CA GLY B 109 14.93 -2.08 -7.02
C GLY B 109 13.83 -1.33 -6.29
N GLN B 110 13.52 -0.15 -6.81
CA GLN B 110 12.55 0.73 -6.16
C GLN B 110 11.09 0.54 -6.55
N GLY B 111 10.86 -0.28 -7.58
CA GLY B 111 9.53 -0.57 -8.04
C GLY B 111 9.19 0.29 -9.23
N ALA B 112 8.39 -0.22 -10.15
CA ALA B 112 7.91 0.52 -11.29
C ALA B 112 6.41 0.30 -11.23
N SER B 113 5.63 1.36 -11.20
CA SER B 113 4.20 1.20 -11.15
C SER B 113 3.68 1.06 -12.57
N LEU B 114 2.71 0.18 -12.74
CA LEU B 114 2.07 -0.03 -14.02
C LEU B 114 0.59 0.07 -13.74
N THR B 115 -0.10 0.93 -14.47
CA THR B 115 -1.53 1.02 -14.37
C THR B 115 -2.03 0.67 -15.77
N VAL B 116 -3.01 -0.23 -15.87
CA VAL B 116 -3.60 -0.67 -17.13
C VAL B 116 -5.02 -0.19 -17.00
N SER B 117 -5.40 0.70 -17.89
CA SER B 117 -6.69 1.35 -17.77
C SER B 117 -7.18 1.65 -19.16
N SER B 118 -8.50 1.75 -19.25
CA SER B 118 -9.18 2.14 -20.46
C SER B 118 -9.61 3.60 -20.31
N ALA B 119 -9.32 4.27 -19.20
CA ALA B 119 -9.84 5.60 -18.96
C ALA B 119 -9.13 6.70 -19.73
N LYS B 120 -9.83 7.81 -19.87
CA LYS B 120 -9.25 8.99 -20.49
C LYS B 120 -8.83 9.93 -19.37
N THR B 121 -7.96 10.88 -19.64
CA THR B 121 -7.53 11.84 -18.66
C THR B 121 -8.79 12.59 -18.21
N THR B 122 -9.09 12.64 -16.92
CA THR B 122 -10.28 13.30 -16.42
C THR B 122 -9.85 14.21 -15.28
N PRO B 123 -10.26 15.48 -15.23
CA PRO B 123 -10.03 16.37 -14.10
C PRO B 123 -10.93 16.01 -12.92
N PRO B 124 -10.48 16.23 -11.68
CA PRO B 124 -11.27 16.12 -10.48
C PRO B 124 -12.44 17.10 -10.34
N SER B 125 -13.47 16.59 -9.66
CA SER B 125 -14.55 17.41 -9.16
C SER B 125 -14.09 17.62 -7.72
N VAL B 126 -14.06 18.82 -7.17
CA VAL B 126 -13.56 19.02 -5.80
C VAL B 126 -14.75 19.50 -5.00
N TYR B 127 -15.04 18.81 -3.91
CA TYR B 127 -16.19 19.16 -3.10
C TYR B 127 -15.71 19.53 -1.72
N PRO B 128 -16.11 20.67 -1.15
CA PRO B 128 -15.80 21.06 0.22
C PRO B 128 -16.49 20.21 1.28
N LEU B 129 -15.81 19.87 2.38
CA LEU B 129 -16.37 19.05 3.43
C LEU B 129 -16.36 19.84 4.74
N ALA B 130 -17.47 20.53 5.00
CA ALA B 130 -17.63 21.27 6.24
C ALA B 130 -18.37 20.37 7.22
N PRO B 131 -18.23 20.51 8.53
CA PRO B 131 -19.09 19.83 9.52
C PRO B 131 -20.52 20.39 9.46
N GLY B 132 -20.45 21.70 9.66
CA GLY B 132 -21.46 22.71 9.67
C GLY B 132 -20.58 23.96 9.60
N SER B 133 -20.73 24.88 10.41
N MET B 140 -11.65 21.89 18.47
CA MET B 140 -11.03 22.10 17.19
C MET B 140 -12.00 21.53 16.14
N VAL B 141 -11.87 21.90 14.88
CA VAL B 141 -12.81 21.51 13.85
C VAL B 141 -11.98 20.89 12.73
N THR B 142 -12.54 19.93 12.01
CA THR B 142 -11.87 19.31 10.88
C THR B 142 -12.69 19.63 9.64
N LEU B 143 -11.96 20.12 8.66
CA LEU B 143 -12.53 20.50 7.39
C LEU B 143 -11.86 19.55 6.41
N GLY B 144 -12.45 19.31 5.24
CA GLY B 144 -11.82 18.47 4.26
C GLY B 144 -12.19 18.89 2.85
N CYS B 145 -11.57 18.25 1.88
CA CYS B 145 -11.93 18.39 0.49
C CYS B 145 -11.88 17.00 -0.05
N LEU B 146 -12.87 16.71 -0.86
CA LEU B 146 -13.00 15.45 -1.58
C LEU B 146 -12.60 15.69 -3.04
N VAL B 147 -11.67 14.92 -3.58
CA VAL B 147 -11.16 15.11 -4.92
C VAL B 147 -11.65 13.84 -5.60
N LYS B 148 -12.74 13.99 -6.32
CA LYS B 148 -13.46 12.87 -6.87
C LYS B 148 -13.32 12.77 -8.38
N GLY B 149 -13.05 11.56 -8.86
CA GLY B 149 -13.15 11.24 -10.27
C GLY B 149 -12.06 11.78 -11.17
N TYR B 150 -10.78 11.58 -10.85
CA TYR B 150 -9.73 12.05 -11.74
C TYR B 150 -8.92 10.90 -12.31
N PHE B 151 -8.27 11.09 -13.44
CA PHE B 151 -7.40 10.09 -14.04
C PHE B 151 -6.38 10.89 -14.85
N PRO B 152 -5.08 10.57 -14.92
CA PRO B 152 -4.41 9.60 -14.06
C PRO B 152 -3.94 10.25 -12.75
N GLU B 153 -3.27 9.47 -11.93
CA GLU B 153 -2.61 9.94 -10.73
C GLU B 153 -1.45 10.87 -11.15
N PRO B 154 -0.99 11.89 -10.43
CA PRO B 154 -1.46 12.28 -9.10
C PRO B 154 -2.20 13.59 -9.11
N VAL B 155 -2.68 14.00 -7.94
CA VAL B 155 -3.21 15.33 -7.73
C VAL B 155 -2.40 15.87 -6.54
N THR B 156 -2.16 17.16 -6.36
CA THR B 156 -1.55 17.63 -5.12
C THR B 156 -2.58 18.47 -4.39
N VAL B 157 -2.56 18.52 -3.06
CA VAL B 157 -3.54 19.26 -2.33
C VAL B 157 -2.77 20.11 -1.35
N THR B 158 -2.98 21.42 -1.37
CA THR B 158 -2.38 22.25 -0.36
C THR B 158 -3.56 22.97 0.29
N TRP B 159 -3.34 23.62 1.42
CA TRP B 159 -4.39 24.30 2.12
C TRP B 159 -3.87 25.69 2.29
N ASN B 160 -4.65 26.65 1.83
CA ASN B 160 -4.33 28.06 1.87
C ASN B 160 -2.97 28.31 1.28
N SER B 161 -2.83 27.80 0.07
CA SER B 161 -1.61 27.87 -0.71
C SER B 161 -0.32 27.45 0.00
N GLY B 162 -0.44 26.58 1.00
CA GLY B 162 0.72 26.09 1.70
C GLY B 162 0.84 26.64 3.10
N SER B 163 0.20 27.73 3.48
CA SER B 163 0.32 28.25 4.84
C SER B 163 -0.21 27.32 5.90
N LEU B 164 -1.19 26.49 5.57
CA LEU B 164 -1.72 25.60 6.54
C LEU B 164 -1.01 24.30 6.20
N SER B 165 -0.04 23.99 7.03
CA SER B 165 0.82 22.85 6.84
C SER B 165 0.70 21.86 8.00
N SER B 166 0.40 22.36 9.20
CA SER B 166 0.22 21.52 10.35
C SER B 166 -1.22 21.00 10.36
N GLY B 167 -1.38 19.73 10.75
CA GLY B 167 -2.69 19.16 10.93
C GLY B 167 -3.39 18.79 9.64
N VAL B 168 -2.64 18.65 8.55
CA VAL B 168 -3.13 18.27 7.23
C VAL B 168 -2.94 16.76 7.09
N HIS B 169 -3.93 16.04 6.55
CA HIS B 169 -3.81 14.62 6.26
C HIS B 169 -4.33 14.46 4.86
N THR B 170 -3.56 14.01 3.89
CA THR B 170 -4.10 13.72 2.59
C THR B 170 -3.97 12.20 2.49
N PHE B 171 -5.07 11.58 2.15
CA PHE B 171 -5.16 10.13 2.14
C PHE B 171 -4.79 9.56 0.80
N PRO B 172 -4.33 8.32 0.72
CA PRO B 172 -4.18 7.59 -0.54
C PRO B 172 -5.44 7.50 -1.39
N ALA B 173 -5.29 7.56 -2.70
CA ALA B 173 -6.42 7.49 -3.59
C ALA B 173 -6.99 6.08 -3.62
N VAL B 174 -8.30 5.97 -3.72
CA VAL B 174 -8.95 4.69 -3.96
C VAL B 174 -9.43 4.79 -5.40
N LEU B 175 -9.72 3.65 -6.00
CA LEU B 175 -10.22 3.60 -7.35
C LEU B 175 -11.72 3.30 -7.28
N GLN B 176 -12.56 4.24 -7.70
CA GLN B 176 -13.98 4.02 -7.73
C GLN B 176 -14.26 4.12 -9.22
N SER B 177 -14.63 2.95 -9.75
CA SER B 177 -14.89 2.71 -11.17
C SER B 177 -13.50 2.73 -11.80
N ASP B 178 -13.19 3.46 -12.87
CA ASP B 178 -11.82 3.55 -13.26
C ASP B 178 -11.29 4.94 -13.00
N LEU B 179 -11.82 5.63 -12.01
CA LEU B 179 -11.32 6.94 -11.67
C LEU B 179 -10.94 6.93 -10.20
N TYR B 180 -10.00 7.78 -9.83
CA TYR B 180 -9.51 7.87 -8.48
C TYR B 180 -10.27 8.89 -7.64
N THR B 181 -10.31 8.65 -6.33
CA THR B 181 -10.90 9.58 -5.40
C THR B 181 -9.92 9.61 -4.24
N LEU B 182 -9.68 10.77 -3.68
CA LEU B 182 -8.77 10.94 -2.55
C LEU B 182 -9.40 12.05 -1.74
N SER B 183 -9.04 12.26 -0.48
CA SER B 183 -9.50 13.43 0.23
C SER B 183 -8.37 13.94 1.11
N SER B 184 -8.51 15.12 1.69
CA SER B 184 -7.49 15.74 2.52
C SER B 184 -8.26 16.43 3.60
N SER B 185 -7.72 16.48 4.80
CA SER B 185 -8.41 17.10 5.92
C SER B 185 -7.43 18.04 6.59
N VAL B 186 -7.92 19.07 7.30
CA VAL B 186 -7.07 19.97 8.04
C VAL B 186 -7.89 20.18 9.31
N THR B 187 -7.24 20.11 10.46
CA THR B 187 -7.90 20.40 11.72
C THR B 187 -7.41 21.73 12.24
N VAL B 188 -8.27 22.68 12.57
CA VAL B 188 -7.82 23.99 13.04
C VAL B 188 -8.55 24.32 14.32
N PRO B 189 -8.11 25.26 15.18
CA PRO B 189 -8.82 25.65 16.39
C PRO B 189 -10.19 26.17 16.01
N SER B 190 -11.19 25.88 16.83
CA SER B 190 -12.55 26.29 16.55
C SER B 190 -12.72 27.80 16.44
N SER B 191 -11.93 28.61 17.13
CA SER B 191 -12.01 30.07 17.04
C SER B 191 -11.63 30.64 15.68
N THR B 192 -10.71 29.93 15.06
CA THR B 192 -10.13 30.25 13.78
C THR B 192 -11.14 30.17 12.64
N TRP B 193 -12.16 29.33 12.66
CA TRP B 193 -13.01 29.20 11.50
C TRP B 193 -14.44 29.42 11.94
N PRO B 194 -15.29 30.21 11.25
CA PRO B 194 -15.04 30.79 9.94
C PRO B 194 -14.27 32.11 9.83
N SER B 195 -13.71 32.66 10.92
CA SER B 195 -13.02 33.95 10.86
C SER B 195 -11.94 33.97 9.80
N GLU B 196 -11.05 32.98 9.86
CA GLU B 196 -9.95 32.83 8.96
C GLU B 196 -10.48 31.86 7.93
N THR B 197 -10.47 32.31 6.67
CA THR B 197 -10.85 31.46 5.57
C THR B 197 -9.86 30.30 5.42
N VAL B 198 -10.43 29.13 5.13
CA VAL B 198 -9.66 27.94 4.86
C VAL B 198 -10.06 27.57 3.44
N THR B 199 -9.11 27.27 2.55
CA THR B 199 -9.33 26.97 1.14
C THR B 199 -8.50 25.74 0.77
N CYS B 200 -8.96 24.69 0.08
CA CYS B 200 -8.00 23.68 -0.34
C CYS B 200 -7.69 23.98 -1.79
N ASN B 201 -6.46 23.76 -2.22
CA ASN B 201 -6.00 24.03 -3.57
C ASN B 201 -5.61 22.70 -4.16
N VAL B 202 -6.29 22.29 -5.23
CA VAL B 202 -6.09 21.02 -5.90
C VAL B 202 -5.54 21.24 -7.30
N ALA B 203 -4.41 20.62 -7.59
CA ALA B 203 -3.80 20.71 -8.90
C ALA B 203 -3.74 19.30 -9.44
N HIS B 204 -4.17 19.15 -10.69
CA HIS B 204 -4.07 17.88 -11.37
C HIS B 204 -3.24 18.17 -12.62
N PRO B 205 -1.93 17.97 -12.65
CA PRO B 205 -1.08 18.34 -13.77
C PRO B 205 -1.44 17.68 -15.11
N ALA B 206 -1.76 16.39 -15.18
CA ALA B 206 -2.13 15.74 -16.42
C ALA B 206 -3.29 16.39 -17.17
N SER B 207 -4.17 17.13 -16.49
CA SER B 207 -5.21 17.82 -17.20
C SER B 207 -5.08 19.32 -16.96
N SER B 208 -3.91 19.77 -16.49
CA SER B 208 -3.58 21.15 -16.11
C SER B 208 -4.72 21.87 -15.40
N THR B 209 -5.21 21.23 -14.36
CA THR B 209 -6.34 21.73 -13.60
C THR B 209 -5.79 22.32 -12.32
N LYS B 210 -6.26 23.47 -11.87
CA LYS B 210 -5.88 24.03 -10.58
C LYS B 210 -7.16 24.66 -10.08
N VAL B 211 -7.74 24.17 -9.00
CA VAL B 211 -9.02 24.65 -8.48
C VAL B 211 -8.89 24.86 -6.99
N ASP B 212 -9.42 25.97 -6.53
CA ASP B 212 -9.42 26.35 -5.13
C ASP B 212 -10.85 26.27 -4.66
N LYS B 213 -11.08 25.67 -3.48
CA LYS B 213 -12.41 25.53 -2.94
C LYS B 213 -12.39 26.05 -1.51
N LYS B 214 -13.12 27.16 -1.24
CA LYS B 214 -13.22 27.71 0.11
C LYS B 214 -14.22 26.87 0.91
N ILE B 215 -13.91 26.55 2.16
CA ILE B 215 -14.80 25.75 2.99
C ILE B 215 -15.74 26.75 3.65
N VAL B 216 -17.03 26.60 3.38
CA VAL B 216 -18.04 27.52 3.93
C VAL B 216 -18.86 26.77 4.99
N PRO B 217 -19.17 27.35 6.17
CA PRO B 217 -20.02 26.69 7.17
C PRO B 217 -21.39 26.38 6.61
N ARG B 218 -21.86 25.20 6.93
CA ARG B 218 -23.10 24.69 6.41
C ARG B 218 -24.24 25.02 7.36
#